data_1KI2
#
_entry.id   1KI2
#
_cell.length_a   114.900
_cell.length_b   118.700
_cell.length_c   109.100
_cell.angle_alpha   90.00
_cell.angle_beta   90.00
_cell.angle_gamma   90.00
#
_symmetry.space_group_name_H-M   'C 2 2 21'
#
loop_
_entity.id
_entity.type
_entity.pdbx_description
1 polymer 'THYMIDINE KINASE'
2 non-polymer 'SULFATE ION'
3 non-polymer 9-(1,3-DIHYDROXY-PROPOXYMETHANE)GUANINE
4 water water
#
_entity_poly.entity_id   1
_entity_poly.type   'polypeptide(L)'
_entity_poly.pdbx_seq_one_letter_code
;MPTLLRVYIDGPHGMGKTTTTQLLVALGSRDDIVYVPEPMTYWRVLGASETIANIYTTQHRLDQGEISAGDAAVVMTSAQ
ITMGMPYAVTDAVLAPHIGGEAGSSHAPPPALTLIFDRHPIAALLCYPAARYLMGSMTPQAVLAFVALIPPTLPGTNIVL
GALPEDRHIDRLAKRQRPGERLDLAMLAAIRRVYGLLANTVRYLQCGGSWREDWGQLSGTAVPPQGAEPQSNAGPRPHIG
DTLFTLFRAPELLAPNGDLYNVFAWALDVLAKRLRSMHVFILDYDQSPAGCRDALLQLTSGMVQTHVTTPGSIPTICDLA
RTFAREMGEAN
;
_entity_poly.pdbx_strand_id   A,B
#
# COMPACT_ATOMS: atom_id res chain seq x y z
N MET A 1 -8.70 18.09 -25.13
CA MET A 1 -8.98 17.16 -23.98
C MET A 1 -9.67 17.91 -22.83
N PRO A 2 -10.79 17.35 -22.31
CA PRO A 2 -11.52 17.97 -21.20
C PRO A 2 -10.62 18.08 -19.98
N THR A 3 -10.96 19.02 -19.10
CA THR A 3 -10.22 19.25 -17.89
C THR A 3 -11.05 18.83 -16.66
N LEU A 4 -10.38 18.27 -15.66
CA LEU A 4 -11.02 17.84 -14.42
C LEU A 4 -10.36 18.64 -13.32
N LEU A 5 -11.10 18.90 -12.24
CA LEU A 5 -10.57 19.61 -11.08
C LEU A 5 -10.96 18.76 -9.88
N ARG A 6 -9.98 18.18 -9.20
CA ARG A 6 -10.22 17.34 -8.02
C ARG A 6 -9.89 18.15 -6.76
N VAL A 7 -10.77 18.10 -5.75
CA VAL A 7 -10.54 18.83 -4.50
C VAL A 7 -10.74 17.83 -3.38
N TYR A 8 -9.73 17.67 -2.52
CA TYR A 8 -9.81 16.72 -1.42
C TYR A 8 -10.00 17.52 -0.17
N ILE A 9 -11.20 17.45 0.40
CA ILE A 9 -11.49 18.20 1.60
C ILE A 9 -10.92 17.32 2.67
N ASP A 10 -9.95 17.84 3.42
CA ASP A 10 -9.29 17.02 4.42
C ASP A 10 -8.94 17.86 5.65
N GLY A 11 -8.48 17.22 6.71
CA GLY A 11 -8.10 17.92 7.92
C GLY A 11 -8.57 17.14 9.12
N PRO A 12 -8.40 17.65 10.35
CA PRO A 12 -8.89 16.86 11.49
C PRO A 12 -10.40 16.83 11.43
N HIS A 13 -10.98 15.85 12.10
CA HIS A 13 -12.43 15.69 12.18
C HIS A 13 -13.08 16.65 13.21
N GLY A 14 -14.36 16.92 13.00
CA GLY A 14 -15.10 17.78 13.90
C GLY A 14 -15.07 19.27 13.62
N MET A 15 -14.79 19.66 12.40
CA MET A 15 -14.74 21.07 12.08
C MET A 15 -15.87 21.46 11.12
N GLY A 16 -16.75 20.52 10.81
CA GLY A 16 -17.83 20.82 9.89
C GLY A 16 -17.47 20.81 8.40
N LYS A 17 -16.46 20.04 8.02
CA LYS A 17 -16.06 19.95 6.61
C LYS A 17 -17.24 19.41 5.84
N THR A 18 -17.83 18.34 6.36
CA THR A 18 -18.99 17.70 5.73
C THR A 18 -20.13 18.69 5.65
N THR A 19 -20.58 19.18 6.79
CA THR A 19 -21.69 20.11 6.80
C THR A 19 -21.54 21.23 5.82
N THR A 20 -20.32 21.67 5.55
CA THR A 20 -20.15 22.72 4.58
C THR A 20 -20.09 22.13 3.17
N THR A 21 -19.30 21.07 2.98
CA THR A 21 -19.18 20.42 1.66
C THR A 21 -20.53 20.05 1.03
N GLN A 22 -21.47 19.53 1.83
CA GLN A 22 -22.78 19.19 1.30
C GLN A 22 -23.45 20.50 0.81
N LEU A 23 -23.42 21.53 1.65
CA LEU A 23 -24.03 22.80 1.31
C LEU A 23 -23.52 23.34 -0.01
N LEU A 24 -22.36 22.86 -0.44
CA LEU A 24 -21.76 23.28 -1.69
C LEU A 24 -22.47 22.53 -2.81
N VAL A 25 -22.66 21.23 -2.60
CA VAL A 25 -23.33 20.38 -3.58
C VAL A 25 -24.80 20.44 -3.25
N ALA A 26 -25.26 19.43 -2.53
CA ALA A 26 -26.65 19.26 -2.09
C ALA A 26 -26.59 18.29 -0.90
N LEU A 27 -27.28 18.55 0.12
N ASP A 32 -20.92 19.44 -13.87
CA ASP A 32 -19.68 20.14 -13.42
C ASP A 32 -19.13 19.73 -12.02
N ILE A 33 -20.00 19.31 -11.09
CA ILE A 33 -19.57 18.94 -9.75
C ILE A 33 -20.18 17.69 -9.13
N VAL A 34 -19.31 16.78 -8.67
CA VAL A 34 -19.71 15.55 -7.99
C VAL A 34 -19.06 15.64 -6.63
N TYR A 35 -19.61 14.92 -5.67
CA TYR A 35 -19.08 14.94 -4.33
C TYR A 35 -18.98 13.52 -3.84
N VAL A 36 -17.76 13.08 -3.49
CA VAL A 36 -17.52 11.72 -2.98
C VAL A 36 -17.49 11.84 -1.44
N PRO A 37 -18.52 11.30 -0.76
CA PRO A 37 -18.72 11.31 0.69
C PRO A 37 -17.82 10.38 1.47
N GLU A 38 -17.83 10.54 2.78
CA GLU A 38 -17.04 9.72 3.70
C GLU A 38 -17.63 8.28 3.63
N PRO A 39 -16.78 7.24 3.43
CA PRO A 39 -17.21 5.83 3.33
C PRO A 39 -17.67 5.16 4.62
N MET A 40 -18.56 5.82 5.38
CA MET A 40 -19.03 5.28 6.65
C MET A 40 -19.53 3.86 6.64
N THR A 41 -20.35 3.52 5.66
CA THR A 41 -20.89 2.16 5.53
C THR A 41 -19.80 1.08 5.38
N TYR A 42 -18.66 1.49 4.84
CA TYR A 42 -17.57 0.54 4.68
C TYR A 42 -16.93 0.35 6.06
N TRP A 43 -16.75 1.45 6.77
CA TRP A 43 -16.13 1.42 8.09
C TRP A 43 -17.02 0.72 9.08
N ARG A 44 -18.32 0.97 8.97
CA ARG A 44 -19.28 0.36 9.87
C ARG A 44 -19.76 -1.03 9.49
N VAL A 45 -19.76 -1.38 8.19
CA VAL A 45 -20.29 -2.69 7.76
C VAL A 45 -19.62 -3.48 6.62
N LEU A 46 -19.20 -2.80 5.56
CA LEU A 46 -18.59 -3.52 4.45
C LEU A 46 -17.19 -4.07 4.71
N GLY A 47 -16.30 -3.24 5.27
CA GLY A 47 -14.94 -3.65 5.49
C GLY A 47 -14.73 -4.46 6.75
N ALA A 48 -15.55 -4.19 7.76
CA ALA A 48 -15.48 -4.89 9.03
C ALA A 48 -16.80 -4.76 9.80
N SER A 49 -16.76 -4.27 11.04
CA SER A 49 -17.96 -4.07 11.85
C SER A 49 -17.70 -2.99 12.91
N GLU A 50 -18.16 -1.77 12.64
CA GLU A 50 -17.95 -0.65 13.57
C GLU A 50 -16.46 -0.42 13.86
N THR A 51 -15.71 -0.13 12.80
CA THR A 51 -14.28 0.12 12.93
C THR A 51 -14.06 1.31 13.87
N ILE A 52 -14.68 2.45 13.56
CA ILE A 52 -14.57 3.66 14.37
C ILE A 52 -14.68 3.34 15.88
N ALA A 53 -15.63 2.50 16.26
CA ALA A 53 -15.82 2.14 17.68
C ALA A 53 -14.66 1.32 18.23
N ASN A 54 -14.23 0.34 17.45
CA ASN A 54 -13.14 -0.52 17.83
C ASN A 54 -11.89 0.33 18.04
N ILE A 55 -11.67 1.27 17.14
CA ILE A 55 -10.54 2.16 17.22
C ILE A 55 -10.56 2.93 18.55
N TYR A 56 -11.65 3.66 18.81
CA TYR A 56 -11.81 4.46 20.05
C TYR A 56 -11.81 3.65 21.35
N THR A 57 -12.46 2.50 21.34
CA THR A 57 -12.48 1.65 22.50
C THR A 57 -11.07 1.24 22.90
N THR A 58 -10.34 0.66 21.94
CA THR A 58 -8.99 0.21 22.15
C THR A 58 -8.11 1.29 22.75
N GLN A 59 -8.15 2.49 22.18
CA GLN A 59 -7.33 3.56 22.74
C GLN A 59 -7.77 3.77 24.18
N HIS A 60 -9.08 3.80 24.42
CA HIS A 60 -9.60 4.00 25.76
C HIS A 60 -9.15 2.90 26.71
N ARG A 61 -9.33 1.66 26.31
CA ARG A 61 -8.91 0.55 27.16
C ARG A 61 -7.40 0.63 27.47
N LEU A 62 -6.63 1.13 26.51
CA LEU A 62 -5.20 1.32 26.68
C LEU A 62 -5.07 2.45 27.70
N ASP A 63 -5.80 3.54 27.47
CA ASP A 63 -5.81 4.72 28.33
C ASP A 63 -6.18 4.42 29.77
N GLN A 64 -6.71 3.22 29.99
CA GLN A 64 -7.12 2.79 31.31
C GLN A 64 -6.27 1.60 31.82
N GLY A 65 -5.35 1.14 31.00
CA GLY A 65 -4.50 0.03 31.39
C GLY A 65 -5.10 -1.34 31.36
N GLU A 66 -6.32 -1.46 30.84
CA GLU A 66 -6.98 -2.74 30.77
C GLU A 66 -6.28 -3.66 29.81
N ILE A 67 -5.47 -3.10 28.91
CA ILE A 67 -4.75 -3.90 27.92
C ILE A 67 -3.35 -3.30 27.64
N SER A 68 -2.47 -4.03 26.96
CA SER A 68 -1.10 -3.55 26.71
C SER A 68 -0.90 -2.71 25.45
N ALA A 69 0.16 -1.90 25.44
CA ALA A 69 0.48 -1.04 24.28
C ALA A 69 0.93 -1.84 23.06
N GLY A 70 1.21 -3.13 23.23
CA GLY A 70 1.61 -3.93 22.10
C GLY A 70 0.36 -4.51 21.50
N ASP A 71 -0.58 -4.90 22.39
CA ASP A 71 -1.88 -5.47 22.02
C ASP A 71 -2.67 -4.38 21.31
N ALA A 72 -2.65 -3.18 21.87
CA ALA A 72 -3.38 -2.08 21.26
C ALA A 72 -2.76 -1.75 19.89
N ALA A 73 -1.48 -2.00 19.73
CA ALA A 73 -0.78 -1.71 18.49
C ALA A 73 -1.27 -2.56 17.32
N VAL A 74 -1.54 -3.83 17.57
CA VAL A 74 -2.01 -4.74 16.54
C VAL A 74 -3.31 -4.19 16.06
N VAL A 75 -4.29 -4.24 16.95
CA VAL A 75 -5.62 -3.75 16.67
C VAL A 75 -5.61 -2.37 16.02
N MET A 76 -4.76 -1.45 16.49
CA MET A 76 -4.75 -0.13 15.90
C MET A 76 -4.24 -0.15 14.47
N THR A 77 -3.19 -0.92 14.22
CA THR A 77 -2.62 -1.01 12.87
C THR A 77 -3.62 -1.65 11.89
N SER A 78 -4.19 -2.79 12.28
CA SER A 78 -5.18 -3.48 11.45
C SER A 78 -6.39 -2.58 11.07
N ALA A 79 -6.96 -1.88 12.03
CA ALA A 79 -8.10 -1.02 11.75
C ALA A 79 -7.78 0.00 10.67
N GLN A 80 -6.60 0.60 10.78
CA GLN A 80 -6.18 1.61 9.80
C GLN A 80 -6.16 1.05 8.40
N ILE A 81 -6.12 -0.28 8.30
CA ILE A 81 -6.14 -0.92 7.00
C ILE A 81 -7.57 -0.87 6.50
N THR A 82 -8.53 -1.02 7.43
CA THR A 82 -9.95 -0.98 7.09
C THR A 82 -10.42 0.45 6.83
N MET A 83 -9.86 1.39 7.57
CA MET A 83 -10.20 2.80 7.45
C MET A 83 -9.77 3.45 6.15
N GLY A 84 -8.63 3.04 5.61
CA GLY A 84 -8.13 3.68 4.38
C GLY A 84 -8.32 3.02 3.02
N MET A 85 -8.89 1.82 2.98
CA MET A 85 -9.07 1.10 1.72
C MET A 85 -9.92 1.81 0.69
N PRO A 86 -11.11 2.28 1.08
CA PRO A 86 -11.96 2.99 0.11
C PRO A 86 -11.22 4.08 -0.64
N TYR A 87 -10.26 4.71 0.03
CA TYR A 87 -9.45 5.76 -0.57
C TYR A 87 -8.42 5.20 -1.53
N ALA A 88 -7.88 4.02 -1.22
CA ALA A 88 -6.87 3.40 -2.07
C ALA A 88 -7.46 2.92 -3.37
N VAL A 89 -8.54 2.15 -3.32
CA VAL A 89 -9.17 1.66 -4.55
C VAL A 89 -9.58 2.82 -5.44
N THR A 90 -10.15 3.84 -4.83
CA THR A 90 -10.60 5.02 -5.55
C THR A 90 -9.43 5.69 -6.26
N ASP A 91 -8.29 5.75 -5.62
CA ASP A 91 -7.15 6.41 -6.22
C ASP A 91 -6.49 5.55 -7.31
N ALA A 92 -6.50 4.23 -7.12
CA ALA A 92 -5.90 3.31 -8.07
C ALA A 92 -6.71 3.23 -9.36
N VAL A 93 -8.03 3.30 -9.23
CA VAL A 93 -8.93 3.23 -10.37
C VAL A 93 -9.04 4.56 -11.13
N LEU A 94 -8.92 5.66 -10.40
CA LEU A 94 -9.03 6.99 -10.99
C LEU A 94 -7.73 7.47 -11.60
N ALA A 95 -6.62 6.85 -11.22
CA ALA A 95 -5.31 7.25 -11.73
C ALA A 95 -5.09 7.15 -13.25
N PRO A 96 -5.62 6.09 -13.88
CA PRO A 96 -5.44 5.98 -15.33
C PRO A 96 -6.00 7.17 -16.12
N HIS A 97 -7.13 7.70 -15.68
CA HIS A 97 -7.81 8.81 -16.35
C HIS A 97 -7.18 10.17 -16.17
N ILE A 98 -6.29 10.31 -15.19
CA ILE A 98 -5.66 11.59 -14.92
C ILE A 98 -4.49 11.88 -15.84
N GLY A 99 -4.66 12.84 -16.74
CA GLY A 99 -3.58 13.20 -17.64
C GLY A 99 -2.56 14.09 -16.95
N GLY A 100 -2.25 15.24 -17.55
CA GLY A 100 -1.28 16.15 -16.95
C GLY A 100 -1.84 17.55 -16.68
N GLU A 101 -1.12 18.35 -15.89
CA GLU A 101 -1.54 19.69 -15.55
C GLU A 101 -2.08 20.45 -16.74
N ALA A 102 -3.24 21.08 -16.55
CA ALA A 102 -3.85 21.85 -17.60
C ALA A 102 -3.75 23.33 -17.31
N GLY A 103 -2.56 23.88 -17.54
CA GLY A 103 -2.30 25.30 -17.33
C GLY A 103 -3.19 25.94 -16.28
N SER A 104 -3.38 25.23 -15.17
CA SER A 104 -4.21 25.66 -14.05
C SER A 104 -4.12 27.14 -13.77
N SER A 105 -5.21 27.71 -13.26
CA SER A 105 -5.32 29.16 -12.94
C SER A 105 -5.13 30.05 -14.20
N HIS A 106 -6.00 31.04 -14.36
CA HIS A 106 -5.94 31.94 -15.53
C HIS A 106 -6.34 31.14 -16.81
N ALA A 107 -6.94 29.96 -16.59
CA ALA A 107 -7.39 29.01 -17.63
C ALA A 107 -8.96 29.00 -17.80
N PRO A 108 -9.59 27.87 -18.22
CA PRO A 108 -11.06 27.94 -18.35
C PRO A 108 -11.79 27.16 -17.24
N PRO A 109 -13.13 27.21 -17.22
CA PRO A 109 -13.89 26.47 -16.19
C PRO A 109 -13.96 24.97 -16.58
N PRO A 110 -13.53 24.09 -15.65
CA PRO A 110 -13.51 22.64 -15.80
C PRO A 110 -14.81 21.92 -16.14
N ALA A 111 -14.69 20.90 -16.97
CA ALA A 111 -15.84 20.12 -17.38
C ALA A 111 -16.39 19.31 -16.20
N LEU A 112 -15.55 19.11 -15.18
CA LEU A 112 -15.94 18.33 -14.00
C LEU A 112 -15.07 18.59 -12.77
N THR A 113 -15.73 18.83 -11.65
CA THR A 113 -15.10 19.09 -10.36
C THR A 113 -15.46 17.94 -9.45
N LEU A 114 -14.45 17.44 -8.74
CA LEU A 114 -14.65 16.32 -7.82
C LEU A 114 -14.22 16.76 -6.44
N ILE A 115 -15.12 16.59 -5.49
CA ILE A 115 -14.86 16.96 -4.13
C ILE A 115 -14.82 15.64 -3.41
N PHE A 116 -13.62 15.22 -3.02
CA PHE A 116 -13.45 13.99 -2.32
C PHE A 116 -13.48 14.37 -0.88
N ASP A 117 -13.98 13.47 -0.06
CA ASP A 117 -13.98 13.71 1.36
C ASP A 117 -12.78 12.92 1.86
N ARG A 118 -11.68 13.65 2.10
CA ARG A 118 -10.41 13.13 2.57
C ARG A 118 -9.53 12.54 1.45
N HIS A 119 -8.22 12.61 1.65
CA HIS A 119 -7.24 12.10 0.70
C HIS A 119 -6.68 10.84 1.34
N PRO A 120 -6.04 9.97 0.54
CA PRO A 120 -5.46 8.75 1.11
C PRO A 120 -4.38 9.00 2.17
N ILE A 121 -3.78 10.19 2.17
CA ILE A 121 -2.76 10.43 3.18
C ILE A 121 -3.36 10.50 4.58
N ALA A 122 -4.60 10.93 4.69
CA ALA A 122 -5.21 11.02 6.01
C ALA A 122 -5.21 9.65 6.72
N ALA A 123 -5.57 8.63 5.96
CA ALA A 123 -5.64 7.30 6.51
C ALA A 123 -4.31 6.56 6.44
N LEU A 124 -3.47 6.96 5.49
CA LEU A 124 -2.17 6.33 5.30
C LEU A 124 -1.06 7.03 6.05
N LEU A 125 -1.16 8.34 6.24
CA LEU A 125 -0.12 9.07 6.94
C LEU A 125 -0.55 9.76 8.22
N CYS A 126 -1.46 10.73 8.08
CA CYS A 126 -1.92 11.54 9.21
C CYS A 126 -2.52 10.85 10.42
N TYR A 127 -3.53 10.02 10.25
CA TYR A 127 -4.08 9.40 11.43
C TYR A 127 -3.16 8.43 12.15
N PRO A 128 -2.40 7.64 11.39
CA PRO A 128 -1.50 6.69 12.04
C PRO A 128 -0.44 7.46 12.79
N ALA A 129 0.00 8.58 12.21
CA ALA A 129 1.02 9.41 12.86
C ALA A 129 0.43 9.81 14.19
N ALA A 130 -0.80 10.32 14.16
CA ALA A 130 -1.50 10.75 15.36
C ALA A 130 -1.66 9.58 16.33
N ARG A 131 -1.97 8.39 15.83
CA ARG A 131 -2.12 7.22 16.70
C ARG A 131 -0.84 6.75 17.40
N TYR A 132 0.31 6.94 16.74
CA TYR A 132 1.60 6.57 17.31
C TYR A 132 1.83 7.50 18.48
N LEU A 133 1.57 8.77 18.20
CA LEU A 133 1.71 9.83 19.16
C LEU A 133 0.85 9.61 20.39
N MET A 134 0.06 8.54 20.40
CA MET A 134 -0.78 8.25 21.56
C MET A 134 -0.28 7.00 22.22
N GLY A 135 0.74 6.41 21.62
CA GLY A 135 1.28 5.18 22.18
C GLY A 135 0.47 3.98 21.76
N SER A 136 -0.35 4.12 20.72
CA SER A 136 -1.15 3.00 20.24
C SER A 136 -0.57 2.35 18.98
N MET A 137 0.22 3.10 18.23
CA MET A 137 0.80 2.62 16.99
C MET A 137 2.33 2.67 17.08
N THR A 138 3.02 1.74 16.45
CA THR A 138 4.47 1.75 16.49
C THR A 138 4.98 2.60 15.34
N PRO A 139 6.10 3.34 15.53
CA PRO A 139 6.57 4.16 14.40
C PRO A 139 6.96 3.34 13.19
N GLN A 140 7.29 2.07 13.37
CA GLN A 140 7.64 1.21 12.26
C GLN A 140 6.40 0.98 11.41
N ALA A 141 5.28 0.74 12.08
CA ALA A 141 4.01 0.51 11.42
C ALA A 141 3.58 1.73 10.65
N VAL A 142 3.82 2.92 11.19
CA VAL A 142 3.45 4.14 10.49
C VAL A 142 4.28 4.20 9.22
N LEU A 143 5.60 4.00 9.35
CA LEU A 143 6.47 4.03 8.19
C LEU A 143 6.09 2.96 7.15
N ALA A 144 5.39 1.90 7.59
CA ALA A 144 4.94 0.86 6.67
C ALA A 144 3.83 1.42 5.78
N PHE A 145 2.92 2.20 6.35
CA PHE A 145 1.84 2.79 5.57
C PHE A 145 2.35 3.87 4.64
N VAL A 146 3.40 4.59 5.05
CA VAL A 146 3.98 5.68 4.23
C VAL A 146 4.68 5.15 2.99
N ALA A 147 5.28 3.98 3.15
CA ALA A 147 5.96 3.33 2.05
C ALA A 147 4.92 2.94 1.00
N LEU A 148 3.72 2.63 1.46
CA LEU A 148 2.63 2.23 0.57
C LEU A 148 1.81 3.40 -0.02
N ILE A 149 2.20 4.64 0.28
CA ILE A 149 1.49 5.81 -0.24
C ILE A 149 1.66 5.90 -1.74
N PRO A 150 0.53 5.99 -2.47
CA PRO A 150 0.43 6.08 -3.94
C PRO A 150 1.14 7.28 -4.55
N PRO A 151 1.72 7.12 -5.75
CA PRO A 151 2.41 8.24 -6.39
C PRO A 151 1.45 9.42 -6.51
N THR A 152 1.97 10.62 -6.36
CA THR A 152 1.17 11.83 -6.43
C THR A 152 0.79 12.31 -7.85
N LEU A 153 -0.45 12.04 -8.22
CA LEU A 153 -1.01 12.42 -9.51
C LEU A 153 -1.04 13.94 -9.59
N PRO A 154 -1.00 14.48 -10.80
CA PRO A 154 -1.03 15.93 -10.97
C PRO A 154 -2.38 16.50 -10.52
N GLY A 155 -2.35 17.74 -10.04
CA GLY A 155 -3.57 18.39 -9.57
C GLY A 155 -4.17 17.88 -8.27
N THR A 156 -3.34 17.53 -7.30
CA THR A 156 -3.87 17.09 -6.03
C THR A 156 -4.00 18.31 -5.12
N ASN A 157 -5.21 18.85 -5.06
CA ASN A 157 -5.48 20.03 -4.24
C ASN A 157 -6.03 19.56 -2.92
N ILE A 158 -5.31 19.87 -1.85
CA ILE A 158 -5.68 19.47 -0.49
C ILE A 158 -6.10 20.72 0.25
N VAL A 159 -7.31 20.68 0.79
CA VAL A 159 -7.88 21.78 1.57
C VAL A 159 -7.87 21.30 3.01
N LEU A 160 -7.07 21.99 3.84
CA LEU A 160 -6.97 21.67 5.26
C LEU A 160 -7.72 22.79 6.01
N GLY A 161 -8.20 22.52 7.23
CA GLY A 161 -8.94 23.51 7.97
C GLY A 161 -8.27 24.22 9.16
N ALA A 162 -8.65 25.48 9.37
CA ALA A 162 -8.09 26.27 10.46
C ALA A 162 -9.21 26.62 11.41
N LEU A 163 -9.22 25.97 12.57
CA LEU A 163 -10.26 26.22 13.55
C LEU A 163 -9.62 26.43 14.92
N PRO A 164 -10.13 27.39 15.72
CA PRO A 164 -9.56 27.59 17.06
C PRO A 164 -9.99 26.42 17.92
N GLU A 165 -9.12 25.96 18.82
CA GLU A 165 -9.43 24.81 19.65
C GLU A 165 -10.81 24.83 20.26
N ASP A 166 -11.06 25.76 21.18
CA ASP A 166 -12.35 25.89 21.84
C ASP A 166 -13.52 25.71 20.86
N ARG A 167 -13.43 26.34 19.69
CA ARG A 167 -14.48 26.21 18.70
C ARG A 167 -14.52 24.82 18.08
N HIS A 168 -13.34 24.21 17.91
CA HIS A 168 -13.26 22.86 17.36
C HIS A 168 -13.77 21.88 18.43
N ILE A 169 -13.58 22.22 19.70
CA ILE A 169 -14.04 21.39 20.80
C ILE A 169 -15.54 21.49 20.90
N ASP A 170 -16.10 22.62 20.48
CA ASP A 170 -17.55 22.79 20.53
C ASP A 170 -18.23 22.06 19.38
N ARG A 171 -17.74 22.25 18.17
CA ARG A 171 -18.32 21.56 17.01
C ARG A 171 -18.11 20.06 17.15
N LEU A 172 -16.88 19.65 17.45
CA LEU A 172 -16.59 18.23 17.61
C LEU A 172 -17.67 17.54 18.44
N ALA A 173 -17.91 18.04 19.64
CA ALA A 173 -18.89 17.46 20.56
C ALA A 173 -20.23 17.16 19.92
N LYS A 174 -20.69 18.08 19.08
CA LYS A 174 -21.97 17.95 18.39
C LYS A 174 -21.96 16.88 17.29
N ARG A 175 -20.90 16.85 16.48
CA ARG A 175 -20.82 15.85 15.42
C ARG A 175 -19.94 14.63 15.76
N GLN A 176 -20.49 13.75 16.57
CA GLN A 176 -19.79 12.54 16.99
C GLN A 176 -20.16 11.31 16.15
N ARG A 177 -19.19 10.69 15.49
CA ARG A 177 -19.50 9.51 14.69
C ARG A 177 -19.92 8.40 15.62
N PRO A 178 -20.70 7.44 15.11
CA PRO A 178 -21.11 6.34 15.98
C PRO A 178 -19.90 5.59 16.51
N GLY A 179 -19.89 5.33 17.80
CA GLY A 179 -18.78 4.63 18.39
C GLY A 179 -17.62 5.52 18.75
N GLU A 180 -17.69 6.80 18.37
CA GLU A 180 -16.61 7.73 18.67
C GLU A 180 -16.71 8.38 20.06
N ARG A 181 -15.59 8.42 20.79
CA ARG A 181 -15.52 9.04 22.13
C ARG A 181 -14.75 10.34 22.03
N LEU A 182 -15.20 11.35 22.76
CA LEU A 182 -14.57 12.66 22.74
C LEU A 182 -13.19 12.66 23.39
N ASP A 183 -12.22 12.15 22.66
CA ASP A 183 -10.85 12.08 23.14
C ASP A 183 -10.17 13.38 22.77
N LEU A 184 -10.01 14.26 23.74
CA LEU A 184 -9.39 15.56 23.51
C LEU A 184 -7.90 15.53 23.22
N ALA A 185 -7.24 14.48 23.68
CA ALA A 185 -5.81 14.34 23.41
C ALA A 185 -5.66 14.01 21.92
N MET A 186 -6.49 13.08 21.48
CA MET A 186 -6.52 12.66 20.10
C MET A 186 -6.81 13.90 19.26
N LEU A 187 -7.69 14.77 19.76
CA LEU A 187 -8.02 15.99 19.04
C LEU A 187 -6.74 16.81 18.90
N ALA A 188 -5.96 16.87 19.97
CA ALA A 188 -4.71 17.63 20.01
C ALA A 188 -3.57 17.02 19.18
N ALA A 189 -3.41 15.70 19.25
CA ALA A 189 -2.39 15.01 18.47
C ALA A 189 -2.64 15.15 16.97
N ILE A 190 -3.91 15.08 16.58
CA ILE A 190 -4.27 15.18 15.19
C ILE A 190 -4.16 16.59 14.63
N ARG A 191 -4.42 17.60 15.42
CA ARG A 191 -4.32 18.95 14.89
C ARG A 191 -2.85 19.31 14.75
N ARG A 192 -2.02 18.69 15.58
CA ARG A 192 -0.57 18.94 15.55
C ARG A 192 -0.08 18.33 14.28
N VAL A 193 -0.48 17.08 14.06
CA VAL A 193 -0.09 16.35 12.89
C VAL A 193 -0.45 17.17 11.66
N TYR A 194 -1.68 17.68 11.58
CA TYR A 194 -2.03 18.47 10.41
C TYR A 194 -1.22 19.74 10.31
N GLY A 195 -1.02 20.42 11.42
CA GLY A 195 -0.23 21.63 11.38
C GLY A 195 1.13 21.32 10.76
N LEU A 196 1.79 20.28 11.25
CA LEU A 196 3.10 19.88 10.75
C LEU A 196 3.01 19.50 9.27
N LEU A 197 1.96 18.78 8.90
CA LEU A 197 1.78 18.39 7.50
C LEU A 197 1.80 19.64 6.63
N ALA A 198 1.13 20.68 7.11
CA ALA A 198 1.08 21.92 6.38
C ALA A 198 2.51 22.45 6.22
N ASN A 199 3.25 22.47 7.33
CA ASN A 199 4.61 22.99 7.33
C ASN A 199 5.53 22.18 6.47
N THR A 200 5.32 20.87 6.44
CA THR A 200 6.19 20.01 5.65
C THR A 200 6.12 20.30 4.15
N VAL A 201 4.92 20.33 3.62
CA VAL A 201 4.72 20.62 2.19
C VAL A 201 5.38 21.94 1.82
N ARG A 202 5.34 22.93 2.72
CA ARG A 202 5.94 24.25 2.48
C ARG A 202 7.45 24.20 2.64
N TYR A 203 7.89 23.38 3.59
CA TYR A 203 9.30 23.18 3.86
C TYR A 203 9.86 22.60 2.59
N LEU A 204 9.21 21.57 2.09
CA LEU A 204 9.64 20.90 0.86
C LEU A 204 9.60 21.80 -0.37
N GLN A 205 8.43 22.41 -0.62
CA GLN A 205 8.29 23.29 -1.77
C GLN A 205 9.22 24.51 -1.78
N CYS A 206 9.96 24.73 -0.70
CA CYS A 206 10.90 25.86 -0.64
C CYS A 206 12.33 25.36 -0.73
N GLY A 207 12.48 24.09 -1.11
CA GLY A 207 13.78 23.49 -1.26
C GLY A 207 14.40 22.84 -0.05
N GLY A 208 13.59 22.34 0.88
CA GLY A 208 14.13 21.70 2.07
C GLY A 208 14.54 20.25 1.92
N SER A 209 15.77 19.94 2.35
CA SER A 209 16.28 18.59 2.27
C SER A 209 16.35 18.00 3.69
N TRP A 210 15.43 17.10 4.03
CA TRP A 210 15.40 16.52 5.36
C TRP A 210 16.72 15.98 5.76
N ARG A 211 17.38 15.29 4.84
CA ARG A 211 18.68 14.68 5.09
C ARG A 211 19.75 15.72 5.45
N GLU A 212 19.61 16.92 4.94
CA GLU A 212 20.56 17.97 5.21
C GLU A 212 20.29 18.54 6.59
N ASP A 213 19.01 18.68 6.93
CA ASP A 213 18.63 19.22 8.23
C ASP A 213 18.51 18.19 9.35
N TRP A 214 18.50 16.90 9.03
CA TRP A 214 18.35 15.89 10.07
C TRP A 214 19.32 15.99 11.23
N GLY A 215 20.39 16.76 11.05
CA GLY A 215 21.37 16.93 12.11
C GLY A 215 20.84 17.75 13.26
N GLN A 216 19.52 17.99 13.29
CA GLN A 216 18.87 18.78 14.34
C GLN A 216 17.74 17.99 15.08
N LEU A 217 16.69 17.65 14.48
N PRO A 235 12.96 31.92 2.41
CA PRO A 235 12.85 31.14 3.67
C PRO A 235 11.78 30.05 3.63
N ARG A 236 11.86 29.11 4.58
CA ARG A 236 10.90 28.02 4.72
C ARG A 236 10.85 27.59 6.17
N PRO A 237 9.90 26.74 6.54
CA PRO A 237 9.80 26.28 7.92
C PRO A 237 11.08 25.56 8.36
N HIS A 238 11.26 25.37 9.66
CA HIS A 238 12.44 24.69 10.18
C HIS A 238 12.05 23.23 10.41
N ILE A 239 12.91 22.27 10.07
CA ILE A 239 12.60 20.85 10.20
C ILE A 239 11.96 20.44 11.53
N GLY A 240 12.27 21.18 12.58
CA GLY A 240 11.68 20.86 13.87
C GLY A 240 10.18 21.05 13.79
N ASP A 241 9.75 21.84 12.80
CA ASP A 241 8.33 22.13 12.56
C ASP A 241 7.77 21.28 11.40
N THR A 242 8.30 20.09 11.15
CA THR A 242 7.81 19.27 10.04
C THR A 242 7.58 17.84 10.52
N LEU A 243 6.87 17.03 9.74
CA LEU A 243 6.61 15.64 10.12
C LEU A 243 7.87 14.85 10.44
N PHE A 244 9.00 15.26 9.85
CA PHE A 244 10.26 14.59 10.08
C PHE A 244 10.61 14.59 11.55
N THR A 245 10.13 15.55 12.32
CA THR A 245 10.43 15.57 13.74
C THR A 245 10.03 14.29 14.45
N LEU A 246 8.88 13.74 14.10
CA LEU A 246 8.42 12.55 14.79
C LEU A 246 9.23 11.31 14.49
N PHE A 247 10.16 11.39 13.55
CA PHE A 247 10.91 10.20 13.21
C PHE A 247 12.24 10.02 13.90
N ARG A 248 12.44 10.85 14.93
CA ARG A 248 13.61 10.77 15.77
C ARG A 248 13.07 9.93 16.96
N ALA A 249 12.67 8.69 16.66
CA ALA A 249 12.12 7.78 17.65
C ALA A 249 13.14 6.70 17.92
N PRO A 250 13.40 6.41 19.18
CA PRO A 250 14.39 5.40 19.55
C PRO A 250 14.27 4.06 18.82
N GLU A 251 13.06 3.68 18.44
CA GLU A 251 12.86 2.42 17.74
C GLU A 251 13.45 2.39 16.33
N LEU A 252 13.51 3.56 15.70
CA LEU A 252 14.01 3.73 14.31
C LEU A 252 15.49 3.89 14.09
N LEU A 253 16.25 4.04 15.16
CA LEU A 253 17.68 4.30 15.07
C LEU A 253 18.55 3.17 15.56
N ALA A 254 19.71 3.07 14.94
CA ALA A 254 20.69 2.06 15.27
C ALA A 254 21.26 2.33 16.64
N PRO A 255 22.00 1.37 17.19
CA PRO A 255 22.63 1.51 18.50
C PRO A 255 23.46 2.78 18.64
N ASN A 256 23.72 3.47 17.53
CA ASN A 256 24.48 4.71 17.57
C ASN A 256 23.65 5.90 17.11
N GLY A 257 22.37 5.69 16.82
CA GLY A 257 21.56 6.81 16.42
C GLY A 257 21.40 7.02 14.93
N ASP A 258 22.20 6.30 14.15
CA ASP A 258 22.07 6.44 12.72
C ASP A 258 20.69 5.88 12.41
N LEU A 259 19.92 6.64 11.64
CA LEU A 259 18.59 6.20 11.22
C LEU A 259 18.87 4.98 10.36
N TYR A 260 18.14 3.90 10.56
CA TYR A 260 18.34 2.75 9.71
C TYR A 260 17.95 3.22 8.34
N ASN A 261 18.57 2.68 7.31
CA ASN A 261 18.24 3.12 5.96
C ASN A 261 16.85 2.77 5.58
N VAL A 262 16.37 1.62 6.04
CA VAL A 262 15.03 1.23 5.68
C VAL A 262 14.09 2.38 5.97
N PHE A 263 14.32 3.03 7.09
CA PHE A 263 13.45 4.13 7.48
C PHE A 263 13.81 5.40 6.79
N ALA A 264 15.10 5.59 6.53
CA ALA A 264 15.53 6.78 5.83
C ALA A 264 14.85 6.81 4.48
N TRP A 265 14.84 5.66 3.78
CA TRP A 265 14.22 5.59 2.45
C TRP A 265 12.75 5.90 2.49
N ALA A 266 12.02 5.41 3.50
CA ALA A 266 10.58 5.66 3.62
C ALA A 266 10.36 7.15 3.69
N LEU A 267 11.29 7.82 4.36
CA LEU A 267 11.24 9.26 4.52
C LEU A 267 11.47 9.95 3.19
N ASP A 268 12.25 9.31 2.34
CA ASP A 268 12.53 9.85 1.01
C ASP A 268 11.21 9.85 0.28
N VAL A 269 10.50 8.74 0.38
CA VAL A 269 9.21 8.55 -0.26
C VAL A 269 8.25 9.63 0.20
N LEU A 270 8.16 9.80 1.52
CA LEU A 270 7.28 10.80 2.12
C LEU A 270 7.58 12.14 1.51
N ALA A 271 8.86 12.54 1.56
CA ALA A 271 9.27 13.82 1.01
C ALA A 271 8.87 13.99 -0.46
N LYS A 272 8.99 12.93 -1.25
CA LYS A 272 8.62 12.98 -2.67
C LYS A 272 7.11 13.11 -2.86
N ARG A 273 6.34 12.31 -2.12
CA ARG A 273 4.87 12.32 -2.22
C ARG A 273 4.23 13.68 -1.92
N LEU A 274 4.74 14.36 -0.89
CA LEU A 274 4.16 15.63 -0.43
C LEU A 274 4.48 16.93 -1.15
N ARG A 275 5.67 17.03 -1.70
CA ARG A 275 6.05 18.30 -2.30
C ARG A 275 5.29 18.73 -3.52
N SER A 276 4.65 17.80 -4.22
CA SER A 276 3.89 18.15 -5.42
C SER A 276 2.42 18.34 -5.14
N MET A 277 2.05 18.15 -3.87
CA MET A 277 0.68 18.33 -3.41
C MET A 277 0.41 19.83 -3.33
N HIS A 278 -0.80 20.22 -3.70
CA HIS A 278 -1.15 21.62 -3.64
C HIS A 278 -2.11 21.75 -2.47
N VAL A 279 -1.72 22.57 -1.50
CA VAL A 279 -2.49 22.75 -0.27
C VAL A 279 -3.14 24.13 -0.12
N PHE A 280 -4.39 24.17 0.31
CA PHE A 280 -5.08 25.44 0.53
C PHE A 280 -5.70 25.38 1.93
N ILE A 281 -5.95 26.54 2.54
CA ILE A 281 -6.53 26.60 3.90
C ILE A 281 -7.95 27.21 3.92
N LEU A 282 -8.86 26.55 4.62
CA LEU A 282 -10.24 27.03 4.69
C LEU A 282 -10.50 27.40 6.12
N ASP A 283 -10.76 28.67 6.38
CA ASP A 283 -11.05 29.12 7.74
C ASP A 283 -12.43 28.60 8.12
N TYR A 284 -12.50 27.66 9.05
CA TYR A 284 -13.78 27.09 9.45
C TYR A 284 -14.56 27.90 10.45
N ASP A 285 -13.87 28.77 11.17
CA ASP A 285 -14.47 29.64 12.17
C ASP A 285 -15.53 30.54 11.53
N GLN A 286 -16.67 29.96 11.16
CA GLN A 286 -17.77 30.71 10.55
C GLN A 286 -18.97 29.87 10.12
N SER A 287 -20.03 30.54 9.69
CA SER A 287 -21.25 29.87 9.27
C SER A 287 -21.01 28.98 8.07
N PRO A 288 -21.80 27.90 7.94
CA PRO A 288 -21.74 26.93 6.85
C PRO A 288 -21.79 27.64 5.51
N ALA A 289 -22.53 28.73 5.45
CA ALA A 289 -22.65 29.53 4.23
C ALA A 289 -21.28 30.13 3.98
N GLY A 290 -20.72 30.75 5.02
CA GLY A 290 -19.40 31.33 4.92
C GLY A 290 -18.42 30.27 4.46
N CYS A 291 -18.37 29.15 5.17
CA CYS A 291 -17.47 28.06 4.82
C CYS A 291 -17.64 27.69 3.34
N ARG A 292 -18.86 27.30 2.96
CA ARG A 292 -19.18 26.92 1.58
C ARG A 292 -18.77 27.99 0.58
N ASP A 293 -19.04 29.25 0.91
CA ASP A 293 -18.67 30.37 0.04
C ASP A 293 -17.16 30.37 -0.20
N ALA A 294 -16.39 30.42 0.88
CA ALA A 294 -14.93 30.41 0.85
C ALA A 294 -14.42 29.27 -0.01
N LEU A 295 -14.85 28.06 0.32
CA LEU A 295 -14.43 26.88 -0.40
C LEU A 295 -14.53 27.10 -1.88
N LEU A 296 -15.55 27.83 -2.31
CA LEU A 296 -15.70 28.08 -3.74
C LEU A 296 -14.61 29.00 -4.20
N GLN A 297 -14.30 30.00 -3.38
CA GLN A 297 -13.27 30.97 -3.71
C GLN A 297 -11.93 30.29 -4.02
N LEU A 298 -11.47 29.44 -3.10
CA LEU A 298 -10.21 28.71 -3.22
C LEU A 298 -10.05 27.99 -4.56
N THR A 299 -11.17 27.58 -5.12
CA THR A 299 -11.24 26.87 -6.39
C THR A 299 -10.49 27.50 -7.57
N SER A 300 -10.33 28.82 -7.56
CA SER A 300 -9.68 29.54 -8.64
C SER A 300 -8.17 29.39 -8.72
N GLY A 301 -7.53 29.11 -7.59
CA GLY A 301 -6.09 28.98 -7.61
C GLY A 301 -5.70 27.52 -7.71
N MET A 302 -6.70 26.67 -7.89
CA MET A 302 -6.45 25.26 -7.95
C MET A 302 -6.04 24.73 -9.31
N VAL A 303 -5.21 23.68 -9.25
CA VAL A 303 -4.68 23.03 -10.43
C VAL A 303 -5.62 21.97 -10.97
N GLN A 304 -5.98 22.10 -12.24
CA GLN A 304 -6.87 21.15 -12.89
C GLN A 304 -6.09 20.28 -13.85
N THR A 305 -6.72 19.23 -14.36
CA THR A 305 -6.02 18.34 -15.27
C THR A 305 -6.86 17.88 -16.45
N HIS A 306 -6.16 17.45 -17.48
CA HIS A 306 -6.78 17.00 -18.70
C HIS A 306 -7.17 15.58 -18.55
N VAL A 307 -8.44 15.24 -18.79
CA VAL A 307 -8.75 13.83 -18.67
C VAL A 307 -8.00 13.16 -19.81
N THR A 308 -7.55 11.96 -19.52
CA THR A 308 -6.78 11.15 -20.45
C THR A 308 -7.52 10.66 -21.69
N THR A 309 -8.84 10.69 -21.66
CA THR A 309 -9.63 10.21 -22.77
C THR A 309 -11.02 10.81 -22.76
N PRO A 310 -11.78 10.64 -23.87
CA PRO A 310 -13.14 11.17 -24.01
C PRO A 310 -14.03 10.59 -22.95
N GLY A 311 -14.07 9.26 -22.89
CA GLY A 311 -14.89 8.56 -21.91
C GLY A 311 -14.39 8.65 -20.47
N SER A 312 -13.28 9.35 -20.24
CA SER A 312 -12.76 9.48 -18.87
C SER A 312 -13.75 10.16 -17.93
N ILE A 313 -14.28 11.32 -18.35
CA ILE A 313 -15.23 12.09 -17.52
C ILE A 313 -16.43 11.23 -16.99
N PRO A 314 -17.28 10.69 -17.89
CA PRO A 314 -18.44 9.88 -17.51
C PRO A 314 -18.10 8.63 -16.69
N THR A 315 -16.94 8.02 -16.96
CA THR A 315 -16.47 6.87 -16.21
C THR A 315 -16.27 7.35 -14.75
N ILE A 316 -15.66 8.52 -14.59
CA ILE A 316 -15.42 9.07 -13.27
C ILE A 316 -16.73 9.31 -12.55
N CYS A 317 -17.65 9.98 -13.23
CA CYS A 317 -18.95 10.27 -12.65
C CYS A 317 -19.55 9.04 -12.00
N ASP A 318 -19.53 7.93 -12.71
CA ASP A 318 -20.09 6.73 -12.14
C ASP A 318 -19.33 6.12 -10.99
N LEU A 319 -18.00 6.26 -10.98
CA LEU A 319 -17.22 5.75 -9.86
C LEU A 319 -17.73 6.53 -8.66
N ALA A 320 -17.77 7.84 -8.83
CA ALA A 320 -18.24 8.73 -7.79
C ALA A 320 -19.64 8.37 -7.32
N ARG A 321 -20.58 8.28 -8.26
CA ARG A 321 -21.97 7.98 -7.89
C ARG A 321 -22.14 6.60 -7.29
N THR A 322 -21.48 5.62 -7.88
CA THR A 322 -21.57 4.26 -7.39
C THR A 322 -20.98 4.15 -6.00
N PHE A 323 -19.97 4.99 -5.73
CA PHE A 323 -19.29 5.06 -4.42
C PHE A 323 -20.25 5.62 -3.39
N ALA A 324 -20.67 6.87 -3.63
CA ALA A 324 -21.58 7.59 -2.76
C ALA A 324 -22.74 6.71 -2.36
N ARG A 325 -23.31 6.08 -3.38
CA ARG A 325 -24.47 5.18 -3.24
C ARG A 325 -24.24 3.93 -2.41
N GLU A 326 -23.05 3.36 -2.49
CA GLU A 326 -22.78 2.13 -1.78
C GLU A 326 -22.13 2.33 -0.44
N MET A 327 -21.19 3.26 -0.38
CA MET A 327 -20.49 3.47 0.87
C MET A 327 -20.95 4.63 1.66
N GLY A 328 -21.25 5.73 0.96
CA GLY A 328 -21.73 6.91 1.65
C GLY A 328 -22.87 6.50 2.56
N GLU A 329 -22.85 7.04 3.78
CA GLU A 329 -23.87 6.74 4.74
C GLU A 329 -24.46 8.06 5.18
N MET B 1 23.20 4.61 -23.65
CA MET B 1 21.95 4.34 -22.87
C MET B 1 22.04 2.93 -22.25
N PRO B 2 22.45 2.82 -20.97
CA PRO B 2 22.58 1.54 -20.27
C PRO B 2 21.24 0.88 -19.97
N THR B 3 21.25 -0.43 -19.78
CA THR B 3 20.02 -1.14 -19.50
C THR B 3 20.12 -1.97 -18.21
N LEU B 4 18.98 -2.15 -17.56
CA LEU B 4 18.91 -2.89 -16.31
C LEU B 4 18.09 -4.15 -16.45
N LEU B 5 18.43 -5.18 -15.72
CA LEU B 5 17.67 -6.43 -15.76
C LEU B 5 17.31 -6.78 -14.33
N ARG B 6 16.01 -6.86 -14.05
CA ARG B 6 15.54 -7.20 -12.71
C ARG B 6 14.86 -8.57 -12.69
N VAL B 7 15.22 -9.42 -11.74
CA VAL B 7 14.61 -10.74 -11.66
C VAL B 7 14.18 -10.95 -10.22
N TYR B 8 12.92 -11.39 -10.06
CA TYR B 8 12.34 -11.62 -8.75
C TYR B 8 12.05 -13.10 -8.60
N ILE B 9 12.81 -13.75 -7.74
CA ILE B 9 12.64 -15.18 -7.50
C ILE B 9 11.60 -15.35 -6.41
N ASP B 10 10.37 -15.67 -6.80
CA ASP B 10 9.31 -15.83 -5.85
C ASP B 10 8.78 -17.24 -5.90
N GLY B 11 7.84 -17.55 -5.03
CA GLY B 11 7.28 -18.88 -5.03
C GLY B 11 7.13 -19.25 -3.59
N PRO B 12 6.69 -20.46 -3.28
CA PRO B 12 6.57 -20.81 -1.88
C PRO B 12 7.94 -20.93 -1.21
N HIS B 13 7.91 -20.84 0.11
CA HIS B 13 9.10 -21.00 0.92
C HIS B 13 9.46 -22.51 0.91
N GLY B 14 10.74 -22.83 1.04
CA GLY B 14 11.18 -24.22 1.12
C GLY B 14 11.44 -24.98 -0.16
N MET B 15 11.91 -24.29 -1.19
CA MET B 15 12.18 -24.95 -2.46
C MET B 15 13.65 -24.82 -2.82
N GLY B 16 14.37 -23.94 -2.12
CA GLY B 16 15.79 -23.74 -2.40
C GLY B 16 16.07 -22.49 -3.24
N LYS B 17 15.16 -21.53 -3.20
CA LYS B 17 15.29 -20.30 -3.99
C LYS B 17 16.55 -19.52 -3.62
N THR B 18 16.79 -19.30 -2.33
CA THR B 18 17.96 -18.52 -1.89
C THR B 18 19.29 -19.06 -2.39
N THR B 19 19.42 -20.37 -2.26
CA THR B 19 20.63 -21.05 -2.67
C THR B 19 20.93 -20.81 -4.15
N THR B 20 20.02 -21.22 -5.03
CA THR B 20 20.18 -21.05 -6.46
C THR B 20 20.55 -19.62 -6.76
N THR B 21 19.85 -18.71 -6.12
CA THR B 21 20.13 -17.30 -6.30
C THR B 21 21.55 -17.03 -5.86
N GLN B 22 21.95 -17.58 -4.73
CA GLN B 22 23.30 -17.38 -4.25
C GLN B 22 24.29 -17.92 -5.26
N LEU B 23 24.00 -19.12 -5.74
CA LEU B 23 24.87 -19.77 -6.73
C LEU B 23 24.99 -18.96 -8.00
N LEU B 24 23.86 -18.55 -8.54
CA LEU B 24 23.85 -17.77 -9.77
C LEU B 24 24.69 -16.51 -9.65
N VAL B 25 24.67 -15.90 -8.48
CA VAL B 25 25.41 -14.68 -8.23
C VAL B 25 26.91 -14.96 -8.18
N ALA B 26 27.27 -16.19 -7.87
CA ALA B 26 28.68 -16.55 -7.75
C ALA B 26 29.43 -16.69 -9.06
N LEU B 27 28.68 -16.79 -10.15
CA LEU B 27 29.24 -16.96 -11.49
C LEU B 27 29.87 -15.70 -12.04
N GLY B 28 31.09 -15.71 -12.29
N ASP B 32 27.10 -6.14 -14.12
CA ASP B 32 27.34 -7.36 -13.31
C ASP B 32 26.06 -7.71 -12.55
N ILE B 33 26.14 -8.71 -11.68
CA ILE B 33 25.02 -9.20 -10.88
C ILE B 33 24.98 -8.69 -9.44
N VAL B 34 23.79 -8.29 -8.99
CA VAL B 34 23.61 -7.78 -7.65
C VAL B 34 22.43 -8.52 -7.10
N TYR B 35 22.54 -8.94 -5.86
CA TYR B 35 21.53 -9.72 -5.18
C TYR B 35 20.90 -9.02 -3.99
N VAL B 36 19.60 -8.79 -4.07
CA VAL B 36 18.85 -8.14 -3.00
C VAL B 36 18.24 -9.26 -2.14
N PRO B 37 18.86 -9.53 -0.98
CA PRO B 37 18.41 -10.59 -0.05
C PRO B 37 17.02 -10.51 0.57
N GLU B 38 16.81 -11.33 1.58
CA GLU B 38 15.56 -11.40 2.31
C GLU B 38 15.83 -10.60 3.57
N PRO B 39 15.10 -9.49 3.78
CA PRO B 39 15.23 -8.61 4.94
C PRO B 39 14.86 -9.34 6.21
N MET B 40 15.52 -10.44 6.50
CA MET B 40 15.22 -11.18 7.70
C MET B 40 15.41 -10.32 8.93
N THR B 41 16.45 -9.48 8.91
CA THR B 41 16.73 -8.62 10.06
C THR B 41 15.61 -7.62 10.26
N TYR B 42 14.92 -7.25 9.18
CA TYR B 42 13.81 -6.33 9.39
C TYR B 42 12.69 -7.13 9.99
N TRP B 43 12.57 -8.39 9.58
CA TRP B 43 11.50 -9.26 10.07
C TRP B 43 11.56 -9.73 11.52
N ARG B 44 12.72 -9.73 12.14
CA ARG B 44 12.72 -10.22 13.52
C ARG B 44 13.31 -9.34 14.59
N VAL B 45 13.83 -8.18 14.16
CA VAL B 45 14.40 -7.20 15.08
C VAL B 45 14.05 -5.77 14.69
N LEU B 46 14.41 -5.34 13.49
CA LEU B 46 14.13 -3.98 13.11
C LEU B 46 12.66 -3.57 13.14
N GLY B 47 11.84 -4.15 12.25
CA GLY B 47 10.42 -3.82 12.16
C GLY B 47 9.51 -4.21 13.31
N ALA B 48 9.73 -5.41 13.84
CA ALA B 48 8.95 -5.92 14.97
C ALA B 48 9.76 -7.10 15.50
N SER B 49 9.48 -7.58 16.71
CA SER B 49 10.26 -8.70 17.23
C SER B 49 9.75 -10.10 16.90
N GLU B 50 10.63 -10.89 16.29
CA GLU B 50 10.37 -12.27 15.89
C GLU B 50 9.02 -12.47 15.20
N THR B 51 8.79 -11.64 14.19
CA THR B 51 7.55 -11.69 13.46
C THR B 51 7.23 -13.06 12.92
N ILE B 52 8.21 -13.81 12.42
CA ILE B 52 7.87 -15.14 11.91
C ILE B 52 7.29 -16.03 13.02
N ALA B 53 7.95 -16.07 14.18
CA ALA B 53 7.48 -16.88 15.31
C ALA B 53 6.02 -16.54 15.64
N ASN B 54 5.66 -15.29 15.45
CA ASN B 54 4.30 -14.80 15.70
C ASN B 54 3.31 -15.43 14.73
N ILE B 55 3.54 -15.15 13.45
CA ILE B 55 2.71 -15.66 12.37
C ILE B 55 2.40 -17.15 12.60
N TYR B 56 3.46 -17.95 12.62
CA TYR B 56 3.32 -19.39 12.83
C TYR B 56 2.69 -19.82 14.15
N THR B 57 2.99 -19.11 15.22
CA THR B 57 2.45 -19.44 16.55
C THR B 57 0.97 -19.16 16.59
N THR B 58 0.63 -17.95 16.15
CA THR B 58 -0.74 -17.46 16.11
C THR B 58 -1.64 -18.35 15.27
N GLN B 59 -1.18 -18.81 14.12
CA GLN B 59 -1.99 -19.68 13.30
C GLN B 59 -2.21 -20.97 14.09
N HIS B 60 -1.15 -21.41 14.75
CA HIS B 60 -1.16 -22.62 15.56
C HIS B 60 -2.18 -22.45 16.68
N ARG B 61 -2.15 -21.30 17.34
CA ARG B 61 -3.08 -21.05 18.42
C ARG B 61 -4.48 -21.02 17.84
N LEU B 62 -4.64 -20.35 16.71
CA LEU B 62 -5.94 -20.30 16.08
C LEU B 62 -6.39 -21.73 15.85
N ASP B 63 -5.52 -22.50 15.23
CA ASP B 63 -5.81 -23.90 14.90
C ASP B 63 -6.13 -24.80 16.12
N GLN B 64 -5.35 -24.64 17.17
CA GLN B 64 -5.53 -25.43 18.38
C GLN B 64 -6.85 -25.07 19.07
N GLY B 65 -7.31 -23.86 18.81
CA GLY B 65 -8.55 -23.41 19.40
C GLY B 65 -8.28 -22.73 20.71
N GLU B 66 -7.32 -21.80 20.71
CA GLU B 66 -6.97 -21.02 21.90
C GLU B 66 -7.20 -19.54 21.54
N ILE B 67 -7.34 -19.31 20.24
CA ILE B 67 -7.52 -17.99 19.68
C ILE B 67 -8.75 -18.05 18.76
N SER B 68 -9.42 -16.91 18.58
CA SER B 68 -10.59 -16.83 17.69
C SER B 68 -10.21 -16.13 16.39
N ALA B 69 -11.04 -16.32 15.35
CA ALA B 69 -10.80 -15.74 14.03
C ALA B 69 -10.43 -14.27 14.03
N GLY B 70 -11.22 -13.46 14.74
CA GLY B 70 -10.97 -12.03 14.80
C GLY B 70 -9.66 -11.70 15.49
N ASP B 71 -9.37 -12.43 16.55
CA ASP B 71 -8.13 -12.25 17.31
C ASP B 71 -6.90 -12.55 16.48
N ALA B 72 -6.94 -13.67 15.74
CA ALA B 72 -5.84 -14.10 14.90
C ALA B 72 -5.69 -13.22 13.67
N ALA B 73 -6.81 -12.96 12.98
CA ALA B 73 -6.79 -12.14 11.78
C ALA B 73 -6.17 -10.80 12.11
N VAL B 74 -6.59 -10.22 13.22
CA VAL B 74 -6.06 -8.94 13.67
C VAL B 74 -4.55 -9.05 13.83
N VAL B 75 -4.09 -10.16 14.41
CA VAL B 75 -2.65 -10.38 14.57
C VAL B 75 -1.96 -10.64 13.22
N MET B 76 -2.60 -11.41 12.34
CA MET B 76 -2.04 -11.72 11.02
C MET B 76 -1.96 -10.55 10.08
N THR B 77 -2.98 -9.70 10.05
CA THR B 77 -2.87 -8.57 9.16
C THR B 77 -1.80 -7.55 9.60
N SER B 78 -1.47 -7.44 10.89
CA SER B 78 -0.40 -6.51 11.32
C SER B 78 0.95 -7.07 10.91
N ALA B 79 1.09 -8.38 11.07
CA ALA B 79 2.30 -9.11 10.70
C ALA B 79 2.61 -8.95 9.21
N GLN B 80 1.58 -8.90 8.38
CA GLN B 80 1.79 -8.74 6.96
C GLN B 80 2.32 -7.38 6.54
N ILE B 81 1.84 -6.30 7.17
CA ILE B 81 2.29 -4.98 6.78
C ILE B 81 3.74 -4.86 7.15
N THR B 82 4.13 -5.56 8.21
CA THR B 82 5.50 -5.56 8.68
C THR B 82 6.38 -6.33 7.71
N MET B 83 5.95 -7.53 7.33
CA MET B 83 6.70 -8.36 6.42
C MET B 83 6.93 -7.69 5.07
N GLY B 84 5.97 -6.89 4.64
CA GLY B 84 6.09 -6.25 3.33
C GLY B 84 6.81 -4.94 3.22
N MET B 85 6.97 -4.18 4.30
CA MET B 85 7.61 -2.86 4.18
C MET B 85 8.94 -2.77 3.43
N PRO B 86 9.87 -3.71 3.68
CA PRO B 86 11.16 -3.65 2.97
C PRO B 86 10.99 -3.64 1.47
N TYR B 87 10.19 -4.57 0.97
CA TYR B 87 9.93 -4.68 -0.45
C TYR B 87 9.20 -3.42 -0.96
N ALA B 88 8.26 -2.93 -0.17
CA ALA B 88 7.50 -1.76 -0.55
C ALA B 88 8.41 -0.57 -0.81
N VAL B 89 9.23 -0.18 0.17
CA VAL B 89 10.13 0.96 -0.06
C VAL B 89 11.11 0.68 -1.17
N THR B 90 11.69 -0.51 -1.17
CA THR B 90 12.63 -0.87 -2.22
C THR B 90 12.02 -0.53 -3.59
N ASP B 91 10.79 -0.99 -3.82
CA ASP B 91 10.12 -0.73 -5.08
C ASP B 91 9.98 0.77 -5.37
N ALA B 92 9.58 1.51 -4.35
CA ALA B 92 9.36 2.95 -4.48
C ALA B 92 10.62 3.73 -4.67
N VAL B 93 11.73 3.28 -4.09
CA VAL B 93 12.98 4.00 -4.27
C VAL B 93 13.64 3.56 -5.59
N LEU B 94 13.28 2.37 -6.06
CA LEU B 94 13.78 1.85 -7.31
C LEU B 94 13.02 2.58 -8.42
N ALA B 95 11.69 2.53 -8.34
CA ALA B 95 10.78 3.13 -9.31
C ALA B 95 11.19 4.29 -10.24
N PRO B 96 11.60 5.45 -9.69
CA PRO B 96 12.00 6.58 -10.52
C PRO B 96 13.13 6.33 -11.50
N HIS B 97 13.79 5.19 -11.35
CA HIS B 97 14.93 4.85 -12.19
C HIS B 97 14.59 3.99 -13.40
N ILE B 98 13.60 3.12 -13.25
CA ILE B 98 13.20 2.22 -14.30
C ILE B 98 12.66 3.02 -15.44
N GLY B 99 13.13 2.69 -16.64
CA GLY B 99 12.70 3.37 -17.85
C GLY B 99 11.92 2.44 -18.74
N GLY B 100 11.90 2.69 -20.04
CA GLY B 100 11.14 1.82 -20.93
C GLY B 100 11.76 0.46 -21.22
N GLU B 101 10.95 -0.46 -21.75
CA GLU B 101 11.44 -1.81 -22.10
C GLU B 101 12.57 -1.70 -23.09
N ALA B 102 13.31 -2.78 -23.25
CA ALA B 102 14.41 -2.82 -24.18
C ALA B 102 14.34 -4.19 -24.81
N GLY B 103 14.23 -5.22 -23.97
CA GLY B 103 14.14 -6.59 -24.46
C GLY B 103 15.42 -7.37 -24.25
N SER B 104 15.30 -8.69 -24.21
CA SER B 104 16.45 -9.55 -24.04
C SER B 104 16.42 -10.58 -25.14
N SER B 105 15.26 -11.21 -25.34
CA SER B 105 15.09 -12.23 -26.38
C SER B 105 15.74 -11.73 -27.67
N HIS B 106 17.02 -12.09 -27.81
CA HIS B 106 17.87 -11.68 -28.92
C HIS B 106 18.08 -10.15 -28.89
N ALA B 107 18.69 -9.71 -27.80
CA ALA B 107 19.00 -8.30 -27.54
C ALA B 107 20.31 -8.31 -26.72
N PRO B 108 21.02 -7.16 -26.67
CA PRO B 108 22.29 -7.13 -25.90
C PRO B 108 22.12 -7.51 -24.41
N PRO B 109 23.27 -7.73 -23.71
CA PRO B 109 23.35 -8.08 -22.28
C PRO B 109 23.37 -6.85 -21.37
N PRO B 110 22.51 -6.84 -20.33
CA PRO B 110 22.42 -5.73 -19.37
C PRO B 110 23.71 -5.26 -18.70
N ALA B 111 23.68 -4.06 -18.12
CA ALA B 111 24.84 -3.51 -17.39
C ALA B 111 24.75 -3.93 -15.92
N LEU B 112 23.52 -4.25 -15.49
CA LEU B 112 23.24 -4.66 -14.12
C LEU B 112 22.03 -5.60 -14.09
N THR B 113 22.17 -6.67 -13.32
CA THR B 113 21.12 -7.65 -13.17
C THR B 113 20.84 -7.71 -11.70
N LEU B 114 19.61 -7.37 -11.30
CA LEU B 114 19.24 -7.40 -9.91
C LEU B 114 18.39 -8.64 -9.69
N ILE B 115 18.83 -9.52 -8.81
CA ILE B 115 18.08 -10.72 -8.50
C ILE B 115 17.51 -10.42 -7.14
N PHE B 116 16.20 -10.20 -7.07
CA PHE B 116 15.56 -9.93 -5.79
C PHE B 116 15.01 -11.24 -5.23
N ASP B 117 15.11 -11.42 -3.93
CA ASP B 117 14.54 -12.60 -3.32
C ASP B 117 13.12 -12.16 -2.95
N ARG B 118 12.15 -12.64 -3.73
CA ARG B 118 10.71 -12.33 -3.62
C ARG B 118 10.35 -11.01 -4.32
N HIS B 119 9.07 -10.72 -4.39
CA HIS B 119 8.53 -9.51 -5.01
C HIS B 119 7.47 -9.00 -4.03
N PRO B 120 7.17 -7.69 -4.03
CA PRO B 120 6.17 -7.18 -3.11
C PRO B 120 4.87 -7.99 -3.07
N ILE B 121 4.37 -8.41 -4.24
CA ILE B 121 3.12 -9.16 -4.25
C ILE B 121 3.14 -10.41 -3.42
N ALA B 122 4.34 -10.80 -3.00
CA ALA B 122 4.49 -11.96 -2.15
C ALA B 122 3.86 -11.56 -0.83
N ALA B 123 4.28 -10.40 -0.33
CA ALA B 123 3.82 -9.86 0.93
C ALA B 123 2.41 -9.24 0.85
N LEU B 124 2.13 -8.58 -0.26
CA LEU B 124 0.85 -7.91 -0.47
C LEU B 124 -0.29 -8.70 -1.13
N LEU B 125 -0.08 -9.98 -1.42
CA LEU B 125 -1.10 -10.80 -2.05
C LEU B 125 -1.04 -12.32 -1.86
N CYS B 126 0.06 -12.93 -2.26
CA CYS B 126 0.13 -14.38 -2.15
C CYS B 126 -0.01 -14.89 -0.74
N TYR B 127 0.92 -14.54 0.13
CA TYR B 127 0.83 -15.01 1.50
C TYR B 127 -0.48 -14.55 2.15
N PRO B 128 -0.86 -13.27 2.01
CA PRO B 128 -2.13 -12.85 2.62
C PRO B 128 -3.29 -13.75 2.20
N ALA B 129 -3.33 -14.09 0.92
CA ALA B 129 -4.37 -14.98 0.40
C ALA B 129 -4.29 -16.34 1.07
N ALA B 130 -3.09 -16.92 1.15
CA ALA B 130 -2.90 -18.23 1.75
C ALA B 130 -3.44 -18.23 3.16
N ARG B 131 -3.23 -17.12 3.85
CA ARG B 131 -3.70 -16.98 5.23
C ARG B 131 -5.19 -16.82 5.27
N TYR B 132 -5.75 -16.18 4.24
CA TYR B 132 -7.19 -16.00 4.19
C TYR B 132 -7.68 -17.43 4.04
N LEU B 133 -7.05 -18.14 3.11
CA LEU B 133 -7.39 -19.54 2.84
C LEU B 133 -7.21 -20.42 4.06
N MET B 134 -6.37 -19.99 5.01
CA MET B 134 -6.17 -20.74 6.28
C MET B 134 -7.21 -20.30 7.33
N GLY B 135 -7.89 -19.18 7.08
CA GLY B 135 -8.89 -18.68 8.01
C GLY B 135 -8.33 -17.70 9.02
N SER B 136 -7.08 -17.30 8.84
CA SER B 136 -6.43 -16.37 9.76
C SER B 136 -6.41 -14.93 9.27
N MET B 137 -7.14 -14.68 8.20
CA MET B 137 -7.22 -13.36 7.62
C MET B 137 -8.52 -13.29 6.87
N THR B 138 -8.97 -12.08 6.55
CA THR B 138 -10.23 -11.87 5.85
C THR B 138 -10.09 -11.39 4.42
N PRO B 139 -11.03 -11.78 3.55
CA PRO B 139 -10.98 -11.36 2.14
C PRO B 139 -10.92 -9.86 2.00
N GLN B 140 -11.61 -9.14 2.88
CA GLN B 140 -11.60 -7.69 2.79
C GLN B 140 -10.19 -7.17 2.92
N ALA B 141 -9.48 -7.66 3.94
CA ALA B 141 -8.10 -7.27 4.24
C ALA B 141 -7.15 -7.68 3.14
N VAL B 142 -7.43 -8.82 2.53
CA VAL B 142 -6.59 -9.27 1.44
C VAL B 142 -6.77 -8.25 0.32
N LEU B 143 -8.01 -7.82 0.14
CA LEU B 143 -8.36 -6.85 -0.89
C LEU B 143 -7.82 -5.47 -0.57
N ALA B 144 -7.71 -5.14 0.71
CA ALA B 144 -7.17 -3.85 1.14
C ALA B 144 -5.73 -3.79 0.65
N PHE B 145 -4.99 -4.86 0.92
CA PHE B 145 -3.61 -5.02 0.49
C PHE B 145 -3.52 -4.90 -1.02
N VAL B 146 -4.36 -5.65 -1.70
CA VAL B 146 -4.36 -5.61 -3.14
C VAL B 146 -4.45 -4.17 -3.64
N ALA B 147 -5.24 -3.35 -2.95
CA ALA B 147 -5.41 -1.97 -3.38
C ALA B 147 -4.12 -1.21 -3.22
N LEU B 148 -3.26 -1.66 -2.32
CA LEU B 148 -2.00 -0.96 -2.07
C LEU B 148 -0.84 -1.49 -2.89
N ILE B 149 -1.07 -2.54 -3.67
CA ILE B 149 -0.01 -3.09 -4.47
C ILE B 149 0.47 -1.97 -5.35
N PRO B 150 1.77 -1.70 -5.31
CA PRO B 150 2.39 -0.64 -6.09
C PRO B 150 2.17 -0.89 -7.57
N PRO B 151 2.19 0.16 -8.38
CA PRO B 151 2.01 0.04 -9.82
C PRO B 151 3.19 -0.79 -10.35
N THR B 152 2.91 -1.66 -11.33
CA THR B 152 3.93 -2.52 -11.91
C THR B 152 4.84 -1.78 -12.87
N LEU B 153 6.13 -1.85 -12.57
CA LEU B 153 7.14 -1.23 -13.40
C LEU B 153 7.39 -2.16 -14.57
N PRO B 154 7.71 -1.59 -15.73
CA PRO B 154 7.97 -2.41 -16.90
C PRO B 154 9.09 -3.42 -16.63
N GLY B 155 9.13 -4.50 -17.40
CA GLY B 155 10.18 -5.48 -17.23
C GLY B 155 10.27 -6.06 -15.84
N THR B 156 9.15 -6.51 -15.29
CA THR B 156 9.13 -7.13 -13.99
C THR B 156 9.01 -8.60 -14.30
N ASN B 157 10.15 -9.28 -14.28
CA ASN B 157 10.24 -10.69 -14.56
C ASN B 157 10.12 -11.40 -13.26
N ILE B 158 9.11 -12.25 -13.14
CA ILE B 158 8.86 -12.98 -11.91
C ILE B 158 9.09 -14.46 -12.12
N VAL B 159 10.07 -15.02 -11.40
CA VAL B 159 10.33 -16.44 -11.53
C VAL B 159 9.63 -17.17 -10.42
N LEU B 160 8.73 -18.07 -10.80
CA LEU B 160 8.02 -18.86 -9.82
C LEU B 160 8.64 -20.19 -10.00
N GLY B 161 8.57 -21.02 -8.98
CA GLY B 161 9.17 -22.33 -9.11
C GLY B 161 8.29 -23.50 -8.78
N ALA B 162 8.67 -24.66 -9.34
CA ALA B 162 7.95 -25.91 -9.15
C ALA B 162 8.77 -26.99 -8.40
N LEU B 163 8.05 -27.96 -7.85
CA LEU B 163 8.63 -29.08 -7.12
C LEU B 163 7.45 -30.01 -6.76
N PRO B 164 7.60 -31.33 -6.92
CA PRO B 164 6.41 -32.07 -6.54
C PRO B 164 6.26 -31.93 -5.05
N GLU B 165 5.00 -31.91 -4.63
CA GLU B 165 4.61 -31.74 -3.25
C GLU B 165 5.41 -32.60 -2.29
N ASP B 166 5.47 -33.89 -2.59
CA ASP B 166 6.19 -34.85 -1.78
C ASP B 166 7.62 -34.40 -1.53
N ARG B 167 8.30 -33.94 -2.57
CA ARG B 167 9.67 -33.48 -2.41
C ARG B 167 9.64 -32.10 -1.78
N HIS B 168 8.59 -31.34 -2.02
CA HIS B 168 8.55 -30.03 -1.39
C HIS B 168 8.48 -30.20 0.12
N ILE B 169 7.72 -31.19 0.55
CA ILE B 169 7.51 -31.50 1.97
C ILE B 169 8.76 -31.96 2.71
N ASP B 170 9.52 -32.89 2.13
CA ASP B 170 10.74 -33.39 2.76
C ASP B 170 11.74 -32.25 2.77
N ARG B 171 11.69 -31.42 1.74
CA ARG B 171 12.59 -30.31 1.63
C ARG B 171 12.28 -29.28 2.69
N LEU B 172 11.01 -29.23 3.08
CA LEU B 172 10.57 -28.29 4.10
C LEU B 172 10.86 -28.91 5.44
N ALA B 173 10.62 -30.21 5.55
CA ALA B 173 10.84 -30.91 6.81
C ALA B 173 12.27 -30.80 7.30
N LYS B 174 13.17 -30.35 6.43
CA LYS B 174 14.58 -30.23 6.79
C LYS B 174 15.03 -28.85 7.29
N ARG B 175 15.56 -27.99 6.41
CA ARG B 175 16.05 -26.68 6.84
C ARG B 175 15.08 -25.77 7.60
N GLN B 176 15.29 -25.75 8.91
CA GLN B 176 14.50 -25.01 9.87
C GLN B 176 14.62 -23.47 9.86
N ARG B 177 13.53 -22.78 9.49
CA ARG B 177 13.46 -21.31 9.47
C ARG B 177 13.17 -20.91 10.94
N PRO B 178 13.93 -19.92 11.47
CA PRO B 178 13.72 -19.50 12.86
C PRO B 178 12.33 -18.94 13.14
N GLY B 179 11.54 -19.70 13.90
CA GLY B 179 10.19 -19.27 14.26
C GLY B 179 9.09 -20.04 13.54
N GLU B 180 9.48 -20.73 12.47
CA GLU B 180 8.57 -21.50 11.68
C GLU B 180 8.34 -22.84 12.34
N ARG B 181 7.36 -23.57 11.83
CA ARG B 181 7.02 -24.90 12.31
C ARG B 181 6.27 -25.53 11.15
N LEU B 182 6.59 -26.78 10.86
CA LEU B 182 5.98 -27.50 9.74
C LEU B 182 4.46 -27.53 9.78
N ASP B 183 3.87 -26.52 9.15
CA ASP B 183 2.43 -26.38 9.04
C ASP B 183 2.14 -26.78 7.59
N LEU B 184 1.88 -28.06 7.38
CA LEU B 184 1.62 -28.60 6.06
C LEU B 184 0.39 -28.04 5.40
N ALA B 185 -0.59 -27.65 6.20
CA ALA B 185 -1.83 -27.07 5.67
C ALA B 185 -1.51 -25.77 4.94
N MET B 186 -0.63 -24.98 5.55
CA MET B 186 -0.19 -23.69 5.05
C MET B 186 0.62 -23.92 3.76
N LEU B 187 1.47 -24.95 3.81
CA LEU B 187 2.32 -25.26 2.70
C LEU B 187 1.50 -25.48 1.46
N ALA B 188 0.45 -26.29 1.56
CA ALA B 188 -0.40 -26.54 0.40
C ALA B 188 -1.14 -25.29 -0.01
N ALA B 189 -1.66 -24.56 0.97
CA ALA B 189 -2.36 -23.31 0.71
C ALA B 189 -1.46 -22.39 -0.11
N ILE B 190 -0.20 -22.28 0.30
CA ILE B 190 0.75 -21.42 -0.40
C ILE B 190 1.04 -21.91 -1.81
N ARG B 191 1.00 -23.22 -2.02
CA ARG B 191 1.24 -23.79 -3.34
C ARG B 191 0.06 -23.50 -4.26
N ARG B 192 -1.16 -23.65 -3.77
CA ARG B 192 -2.33 -23.37 -4.62
C ARG B 192 -2.26 -21.90 -5.00
N VAL B 193 -2.09 -21.04 -3.99
CA VAL B 193 -2.00 -19.59 -4.18
C VAL B 193 -0.97 -19.12 -5.24
N TYR B 194 0.19 -19.75 -5.31
CA TYR B 194 1.17 -19.39 -6.34
C TYR B 194 0.82 -20.09 -7.67
N GLY B 195 0.03 -21.16 -7.57
CA GLY B 195 -0.37 -21.85 -8.77
C GLY B 195 -1.32 -20.92 -9.51
N LEU B 196 -2.34 -20.44 -8.79
CA LEU B 196 -3.34 -19.53 -9.33
C LEU B 196 -2.72 -18.24 -9.88
N LEU B 197 -1.68 -17.74 -9.22
CA LEU B 197 -1.04 -16.52 -9.67
C LEU B 197 -0.47 -16.71 -11.07
N ALA B 198 0.11 -17.87 -11.33
CA ALA B 198 0.67 -18.14 -12.63
C ALA B 198 -0.48 -18.06 -13.65
N ASN B 199 -1.55 -18.78 -13.34
CA ASN B 199 -2.74 -18.80 -14.18
C ASN B 199 -3.34 -17.44 -14.37
N THR B 200 -3.52 -16.69 -13.30
CA THR B 200 -4.12 -15.37 -13.41
C THR B 200 -3.33 -14.56 -14.42
N VAL B 201 -2.03 -14.52 -14.25
CA VAL B 201 -1.22 -13.74 -15.16
C VAL B 201 -1.46 -14.20 -16.59
N ARG B 202 -1.52 -15.51 -16.80
CA ARG B 202 -1.74 -16.08 -18.13
C ARG B 202 -3.17 -15.88 -18.60
N TYR B 203 -4.11 -15.95 -17.66
CA TYR B 203 -5.49 -15.75 -17.97
C TYR B 203 -5.66 -14.35 -18.53
N LEU B 204 -5.14 -13.37 -17.81
CA LEU B 204 -5.23 -11.96 -18.21
C LEU B 204 -4.51 -11.61 -19.48
N GLN B 205 -3.51 -12.41 -19.84
CA GLN B 205 -2.76 -12.11 -21.04
C GLN B 205 -3.42 -12.68 -22.27
N CYS B 206 -4.20 -13.74 -22.08
CA CYS B 206 -4.95 -14.36 -23.16
C CYS B 206 -6.25 -13.61 -23.42
N GLY B 207 -6.31 -12.34 -23.02
CA GLY B 207 -7.51 -11.54 -23.22
C GLY B 207 -8.65 -11.74 -22.24
N GLY B 208 -8.56 -12.72 -21.35
CA GLY B 208 -9.62 -12.99 -20.39
C GLY B 208 -10.11 -11.81 -19.56
N SER B 209 -11.39 -11.87 -19.17
CA SER B 209 -12.04 -10.84 -18.38
C SER B 209 -12.73 -11.54 -17.22
N TRP B 210 -12.66 -10.94 -16.04
CA TRP B 210 -13.29 -11.54 -14.87
C TRP B 210 -14.75 -11.26 -14.80
N ARG B 211 -15.11 -10.03 -15.12
CA ARG B 211 -16.50 -9.57 -15.10
C ARG B 211 -17.29 -10.44 -16.07
N GLU B 212 -16.74 -10.53 -17.27
CA GLU B 212 -17.28 -11.32 -18.38
C GLU B 212 -17.42 -12.79 -17.93
N ASP B 213 -16.47 -13.28 -17.14
CA ASP B 213 -16.49 -14.67 -16.70
C ASP B 213 -16.92 -14.83 -15.27
N TRP B 214 -17.29 -13.76 -14.61
CA TRP B 214 -17.67 -13.89 -13.22
C TRP B 214 -18.67 -14.98 -13.05
N GLY B 215 -19.73 -14.93 -13.86
CA GLY B 215 -20.78 -15.93 -13.76
C GLY B 215 -20.36 -17.39 -13.85
N GLN B 216 -19.09 -17.68 -14.07
CA GLN B 216 -18.70 -19.08 -14.22
C GLN B 216 -18.16 -19.78 -12.97
N LEU B 217 -18.14 -19.08 -11.85
CA LEU B 217 -17.63 -19.69 -10.61
C LEU B 217 -18.72 -20.47 -9.80
N SER B 218 -19.90 -20.01 -9.78
N ASN B 232 -0.44 -18.85 -25.72
CA ASN B 232 0.53 -18.45 -24.65
C ASN B 232 1.08 -19.74 -24.01
N ALA B 233 1.57 -19.64 -22.78
CA ALA B 233 2.13 -20.74 -21.99
C ALA B 233 1.08 -21.85 -21.76
N GLY B 234 0.36 -22.19 -22.82
CA GLY B 234 -0.71 -23.18 -22.75
C GLY B 234 -1.96 -22.45 -23.19
N PRO B 235 -3.13 -23.09 -23.14
CA PRO B 235 -4.40 -22.49 -23.54
C PRO B 235 -4.90 -21.50 -22.47
N ARG B 236 -6.01 -20.80 -22.75
CA ARG B 236 -6.56 -19.84 -21.80
C ARG B 236 -7.22 -20.57 -20.63
N PRO B 237 -6.84 -20.20 -19.39
CA PRO B 237 -7.40 -20.82 -18.21
C PRO B 237 -8.80 -20.41 -17.82
N HIS B 238 -9.50 -21.36 -17.23
CA HIS B 238 -10.83 -21.14 -16.78
C HIS B 238 -10.68 -20.20 -15.61
N ILE B 239 -11.45 -19.12 -15.59
CA ILE B 239 -11.40 -18.13 -14.51
C ILE B 239 -11.35 -18.82 -13.17
N GLY B 240 -12.05 -19.94 -13.07
CA GLY B 240 -12.08 -20.68 -11.81
C GLY B 240 -10.72 -21.25 -11.42
N ASP B 241 -9.74 -21.05 -12.29
CA ASP B 241 -8.41 -21.54 -12.03
C ASP B 241 -7.51 -20.34 -11.78
N THR B 242 -8.08 -19.14 -11.68
CA THR B 242 -7.27 -17.95 -11.46
C THR B 242 -7.45 -17.37 -10.04
N LEU B 243 -6.60 -16.43 -9.62
CA LEU B 243 -6.70 -15.82 -8.27
C LEU B 243 -8.10 -15.37 -7.92
N PHE B 244 -8.81 -14.80 -8.89
CA PHE B 244 -10.19 -14.31 -8.72
C PHE B 244 -11.17 -15.29 -8.04
N THR B 245 -11.03 -16.57 -8.34
CA THR B 245 -11.90 -17.59 -7.76
C THR B 245 -11.85 -17.58 -6.22
N LEU B 246 -10.86 -16.92 -5.64
CA LEU B 246 -10.78 -16.85 -4.18
C LEU B 246 -11.76 -15.83 -3.61
N PHE B 247 -12.24 -14.91 -4.44
CA PHE B 247 -13.10 -13.85 -3.98
C PHE B 247 -14.58 -13.98 -4.27
N ARG B 248 -15.11 -15.14 -3.92
CA ARG B 248 -16.53 -15.46 -4.08
C ARG B 248 -16.88 -15.91 -2.66
N ALA B 249 -16.79 -14.97 -1.71
CA ALA B 249 -17.08 -15.27 -0.31
C ALA B 249 -18.26 -14.42 0.13
N PRO B 250 -19.21 -14.99 0.90
CA PRO B 250 -20.39 -14.27 1.36
C PRO B 250 -20.09 -12.85 1.77
N GLU B 251 -19.03 -12.73 2.54
CA GLU B 251 -18.57 -11.44 3.04
C GLU B 251 -18.60 -10.33 2.02
N LEU B 252 -18.11 -10.63 0.82
CA LEU B 252 -18.01 -9.64 -0.27
C LEU B 252 -19.25 -9.56 -1.16
N LEU B 253 -20.27 -10.34 -0.80
CA LEU B 253 -21.50 -10.39 -1.57
C LEU B 253 -22.62 -9.50 -1.10
N ALA B 254 -23.16 -8.78 -2.07
CA ALA B 254 -24.30 -7.91 -1.84
C ALA B 254 -25.50 -8.84 -1.96
N PRO B 255 -26.63 -8.50 -1.32
CA PRO B 255 -27.80 -9.38 -1.42
C PRO B 255 -28.21 -9.62 -2.89
N ASN B 256 -27.90 -8.69 -3.77
CA ASN B 256 -28.17 -8.79 -5.21
C ASN B 256 -27.35 -9.96 -5.85
N GLY B 257 -26.39 -10.49 -5.10
CA GLY B 257 -25.58 -11.60 -5.56
C GLY B 257 -24.30 -11.17 -6.22
N ASP B 258 -24.14 -9.87 -6.48
CA ASP B 258 -22.93 -9.37 -7.12
C ASP B 258 -21.94 -8.84 -6.10
N LEU B 259 -20.68 -8.75 -6.50
CA LEU B 259 -19.64 -8.24 -5.64
C LEU B 259 -20.03 -6.78 -5.38
N TYR B 260 -19.90 -6.31 -4.16
CA TYR B 260 -20.19 -4.92 -3.91
C TYR B 260 -19.12 -4.29 -4.77
N ASN B 261 -19.40 -3.13 -5.31
CA ASN B 261 -18.43 -2.46 -6.14
C ASN B 261 -17.04 -2.35 -5.48
N VAL B 262 -16.97 -1.94 -4.21
CA VAL B 262 -15.67 -1.81 -3.54
C VAL B 262 -14.77 -2.98 -3.85
N PHE B 263 -15.27 -4.18 -3.59
CA PHE B 263 -14.53 -5.38 -3.82
C PHE B 263 -14.30 -5.62 -5.27
N ALA B 264 -15.26 -5.26 -6.10
CA ALA B 264 -15.11 -5.45 -7.50
C ALA B 264 -14.03 -4.52 -8.09
N TRP B 265 -13.81 -3.36 -7.48
CA TRP B 265 -12.77 -2.43 -7.96
C TRP B 265 -11.39 -2.88 -7.50
N ALA B 266 -11.36 -3.65 -6.42
CA ALA B 266 -10.12 -4.17 -5.88
C ALA B 266 -9.62 -5.20 -6.88
N LEU B 267 -10.55 -6.01 -7.39
CA LEU B 267 -10.21 -7.05 -8.38
C LEU B 267 -9.78 -6.43 -9.73
N ASP B 268 -10.29 -5.23 -10.06
CA ASP B 268 -9.90 -4.53 -11.30
C ASP B 268 -8.45 -4.13 -11.23
N VAL B 269 -8.01 -3.71 -10.04
CA VAL B 269 -6.62 -3.33 -9.85
C VAL B 269 -5.74 -4.58 -9.88
N LEU B 270 -6.19 -5.67 -9.28
CA LEU B 270 -5.42 -6.93 -9.27
C LEU B 270 -5.13 -7.39 -10.68
N ALA B 271 -5.98 -7.03 -11.63
CA ALA B 271 -5.77 -7.41 -13.02
C ALA B 271 -4.93 -6.39 -13.73
N LYS B 272 -4.86 -5.18 -13.21
CA LYS B 272 -4.05 -4.17 -13.86
C LYS B 272 -2.61 -4.41 -13.43
N ARG B 273 -2.44 -4.80 -12.17
CA ARG B 273 -1.13 -5.05 -11.62
C ARG B 273 -0.48 -6.31 -12.19
N LEU B 274 -1.23 -7.40 -12.31
CA LEU B 274 -0.67 -8.64 -12.81
C LEU B 274 -0.61 -8.77 -14.32
N ARG B 275 -1.26 -7.87 -15.03
CA ARG B 275 -1.30 -7.96 -16.47
C ARG B 275 0.00 -7.76 -17.19
N SER B 276 0.90 -6.97 -16.63
CA SER B 276 2.16 -6.70 -17.32
C SER B 276 3.36 -7.37 -16.72
N MET B 277 3.15 -8.40 -15.91
CA MET B 277 4.25 -9.10 -15.32
C MET B 277 4.72 -10.19 -16.24
N HIS B 278 5.97 -10.59 -16.10
CA HIS B 278 6.48 -11.64 -16.95
C HIS B 278 6.79 -12.82 -16.03
N VAL B 279 5.90 -13.81 -16.06
CA VAL B 279 6.04 -14.99 -15.22
C VAL B 279 6.83 -16.09 -15.90
N PHE B 280 7.79 -16.66 -15.16
CA PHE B 280 8.64 -17.75 -15.66
C PHE B 280 8.69 -18.80 -14.59
N ILE B 281 8.71 -20.06 -15.02
CA ILE B 281 8.73 -21.16 -14.07
C ILE B 281 10.11 -21.80 -14.07
N LEU B 282 10.62 -22.08 -12.88
CA LEU B 282 11.92 -22.72 -12.72
C LEU B 282 11.62 -23.95 -11.89
N ASP B 283 12.03 -25.10 -12.39
CA ASP B 283 11.81 -26.33 -11.66
C ASP B 283 12.89 -26.52 -10.63
N TYR B 284 12.48 -26.76 -9.41
CA TYR B 284 13.42 -26.95 -8.30
C TYR B 284 13.60 -28.40 -7.94
N ASP B 285 13.11 -29.27 -8.81
CA ASP B 285 13.26 -30.68 -8.60
C ASP B 285 14.53 -31.06 -9.36
N GLN B 286 15.67 -30.70 -8.80
CA GLN B 286 16.96 -31.02 -9.40
C GLN B 286 18.07 -30.56 -8.49
N SER B 287 19.31 -30.83 -8.92
CA SER B 287 20.48 -30.45 -8.14
C SER B 287 20.58 -28.95 -8.10
N PRO B 288 21.21 -28.41 -7.06
CA PRO B 288 21.38 -26.97 -6.93
C PRO B 288 22.14 -26.32 -8.10
N ALA B 289 23.19 -26.99 -8.59
CA ALA B 289 23.99 -26.46 -9.68
C ALA B 289 23.13 -26.37 -10.92
N GLY B 290 22.20 -27.32 -11.04
CA GLY B 290 21.29 -27.38 -12.16
C GLY B 290 20.22 -26.32 -12.14
N CYS B 291 19.65 -26.06 -10.97
CA CYS B 291 18.61 -25.02 -10.87
C CYS B 291 19.30 -23.74 -11.28
N ARG B 292 20.56 -23.62 -10.89
CA ARG B 292 21.39 -22.47 -11.20
C ARG B 292 21.50 -22.34 -12.70
N ASP B 293 21.99 -23.39 -13.35
CA ASP B 293 22.14 -23.42 -14.80
C ASP B 293 20.81 -23.25 -15.48
N ALA B 294 19.77 -23.90 -14.95
CA ALA B 294 18.42 -23.80 -15.48
C ALA B 294 17.93 -22.37 -15.40
N LEU B 295 18.10 -21.73 -14.24
CA LEU B 295 17.66 -20.36 -14.11
C LEU B 295 18.56 -19.46 -14.93
N LEU B 296 19.81 -19.88 -15.13
CA LEU B 296 20.72 -19.06 -15.94
C LEU B 296 20.21 -19.09 -17.35
N GLN B 297 19.41 -20.11 -17.66
CA GLN B 297 18.85 -20.20 -19.00
C GLN B 297 17.61 -19.34 -19.19
N LEU B 298 16.63 -19.46 -18.29
CA LEU B 298 15.40 -18.68 -18.38
C LEU B 298 15.78 -17.19 -18.62
N THR B 299 16.78 -16.74 -17.87
CA THR B 299 17.32 -15.39 -17.92
C THR B 299 17.61 -14.86 -19.32
N SER B 300 17.82 -15.75 -20.28
CA SER B 300 18.11 -15.31 -21.63
C SER B 300 16.97 -14.52 -22.29
N GLY B 301 15.74 -14.89 -22.00
CA GLY B 301 14.60 -14.20 -22.59
C GLY B 301 13.75 -13.45 -21.60
N MET B 302 14.40 -12.63 -20.78
CA MET B 302 13.71 -11.85 -19.78
C MET B 302 13.80 -10.38 -20.17
N VAL B 303 12.66 -9.71 -20.21
CA VAL B 303 12.59 -8.31 -20.60
C VAL B 303 13.53 -7.41 -19.85
N GLN B 304 14.16 -6.49 -20.58
CA GLN B 304 15.06 -5.51 -20.00
C GLN B 304 14.43 -4.15 -20.05
N THR B 305 14.91 -3.25 -19.22
CA THR B 305 14.42 -1.89 -19.17
C THR B 305 15.64 -1.02 -19.23
N HIS B 306 15.45 0.18 -19.77
CA HIS B 306 16.53 1.15 -19.81
C HIS B 306 16.51 1.72 -18.41
N VAL B 307 17.24 2.79 -18.18
CA VAL B 307 17.25 3.48 -16.91
C VAL B 307 17.05 4.95 -17.27
N THR B 308 16.59 5.76 -16.30
CA THR B 308 16.32 7.17 -16.54
C THR B 308 17.55 8.09 -16.43
N THR B 309 18.23 8.10 -15.29
CA THR B 309 19.44 8.91 -15.17
C THR B 309 20.57 7.89 -15.27
N PRO B 310 21.59 8.14 -16.12
CA PRO B 310 22.70 7.19 -16.27
C PRO B 310 23.21 6.80 -14.88
N GLY B 311 23.31 7.81 -14.01
CA GLY B 311 23.76 7.60 -12.67
C GLY B 311 22.83 6.73 -11.84
N SER B 312 21.84 6.10 -12.47
CA SER B 312 20.91 5.21 -11.77
C SER B 312 21.59 3.89 -11.50
N ILE B 313 22.50 3.50 -12.38
CA ILE B 313 23.21 2.23 -12.22
C ILE B 313 23.99 2.21 -10.93
N PRO B 314 24.78 3.26 -10.63
CA PRO B 314 25.54 3.26 -9.38
C PRO B 314 24.59 3.32 -8.19
N THR B 315 23.59 4.18 -8.29
CA THR B 315 22.59 4.38 -7.24
C THR B 315 21.87 3.05 -6.97
N ILE B 316 21.26 2.49 -8.00
CA ILE B 316 20.56 1.22 -7.85
C ILE B 316 21.54 0.21 -7.26
N CYS B 317 22.79 0.26 -7.70
CA CYS B 317 23.80 -0.66 -7.21
C CYS B 317 24.11 -0.53 -5.74
N ASP B 318 24.26 0.70 -5.26
CA ASP B 318 24.56 0.92 -3.86
C ASP B 318 23.45 0.65 -2.87
N LEU B 319 22.21 1.00 -3.23
CA LEU B 319 21.09 0.77 -2.33
C LEU B 319 20.81 -0.72 -2.28
N ALA B 320 21.19 -1.44 -3.33
CA ALA B 320 21.02 -2.88 -3.33
C ALA B 320 21.98 -3.45 -2.29
N ARG B 321 23.20 -2.91 -2.23
CA ARG B 321 24.20 -3.37 -1.27
C ARG B 321 23.84 -2.97 0.18
N THR B 322 23.30 -1.75 0.34
CA THR B 322 22.88 -1.26 1.66
C THR B 322 21.75 -2.13 2.23
N PHE B 323 20.76 -2.43 1.41
CA PHE B 323 19.65 -3.25 1.83
C PHE B 323 20.26 -4.54 2.39
N ALA B 324 21.16 -5.15 1.61
CA ALA B 324 21.80 -6.42 2.01
C ALA B 324 22.55 -6.42 3.34
N ARG B 325 23.44 -5.44 3.52
CA ARG B 325 24.22 -5.29 4.74
C ARG B 325 23.40 -5.05 6.02
N GLU B 326 22.21 -4.47 5.87
CA GLU B 326 21.34 -4.12 6.99
C GLU B 326 20.16 -5.07 7.31
N MET B 327 19.57 -5.69 6.29
CA MET B 327 18.44 -6.57 6.56
C MET B 327 18.61 -8.02 6.17
N GLY B 328 19.80 -8.37 5.67
CA GLY B 328 20.01 -9.74 5.25
C GLY B 328 20.43 -10.77 6.28
N GLU B 329 20.37 -12.02 5.82
CA GLU B 329 20.75 -13.26 6.51
C GLU B 329 20.12 -13.79 7.81
N ALA B 330 20.06 -12.95 8.84
CA ALA B 330 19.50 -13.27 10.18
C ALA B 330 19.04 -14.70 10.58
#